data_3GJ6
#
_entry.id   3GJ6
#
_cell.length_a   60.132
_cell.length_b   80.305
_cell.length_c   54.634
_cell.angle_alpha   90.00
_cell.angle_beta   90.00
_cell.angle_gamma   90.00
#
_symmetry.space_group_name_H-M   'P 21 21 2'
#
loop_
_entity.id
_entity.type
_entity.pdbx_description
1 polymer 'GTP-binding nuclear protein Ran'
2 polymer 'Nuclear pore complex protein Nup153'
3 non-polymer 'MAGNESIUM ION'
4 non-polymer "GUANOSINE-5'-DIPHOSPHATE"
5 non-polymer 'ZINC ION'
6 water water
#
loop_
_entity_poly.entity_id
_entity_poly.type
_entity_poly.pdbx_seq_one_letter_code
_entity_poly.pdbx_strand_id
1 'polypeptide(L)'
;GPHMASAAQGEPQVQFKLVLVGDGGTGKTTFVKRHLTGESEKKYVATLGVEVHPLVFHTNRGPIKFNVWDTAGQEKFGGL
RDGYYIQAQCAIIMFDVTSRVTYKNVPNWHRDLVRVCENIPIVLCGNKVDIKDRKVKAKSIVFHRKKNLQYYDISAKSNY
NFEKPFLWLARKLIGDPNLEFVAMPALAPPEVVMDPALAAQYEHDLEVAQTTALPDEDDDL
;
A
2 'polypeptide(L)' GPLGSAGSSWQCDTCLLQNKVTDNKCIACQAAKL B
#
# COMPACT_ATOMS: atom_id res chain seq x y z
N GLU A 11 11.29 -21.71 13.29
CA GLU A 11 10.88 -21.42 11.93
C GLU A 11 10.71 -19.92 11.65
N PRO A 12 11.29 -19.46 10.52
CA PRO A 12 11.34 -18.07 10.07
C PRO A 12 10.07 -17.65 9.33
N GLN A 13 9.65 -16.39 9.49
CA GLN A 13 8.39 -15.93 8.92
C GLN A 13 8.56 -15.19 7.60
N VAL A 14 7.51 -15.20 6.78
CA VAL A 14 7.51 -14.47 5.50
C VAL A 14 6.90 -13.07 5.61
N GLN A 15 7.76 -12.06 5.53
CA GLN A 15 7.30 -10.68 5.64
C GLN A 15 7.99 -9.73 4.66
N PHE A 16 7.25 -8.74 4.19
CA PHE A 16 7.81 -7.73 3.28
C PHE A 16 7.60 -6.35 3.84
N LYS A 17 8.57 -5.45 3.63
CA LYS A 17 8.33 -4.04 3.93
C LYS A 17 7.52 -3.41 2.80
N LEU A 18 6.36 -2.85 3.12
CA LEU A 18 5.55 -2.20 2.12
C LEU A 18 5.43 -0.70 2.47
N VAL A 19 5.96 0.18 1.62
CA VAL A 19 5.84 1.61 1.90
C VAL A 19 4.57 2.19 1.27
N LEU A 20 3.87 3.03 2.02
CA LEU A 20 2.59 3.56 1.54
C LEU A 20 2.73 5.05 1.31
N VAL A 21 2.81 5.46 0.05
CA VAL A 21 3.04 6.84 -0.31
C VAL A 21 1.92 7.41 -1.15
N GLY A 22 1.87 8.74 -1.20
CA GLY A 22 0.88 9.47 -1.97
C GLY A 22 0.58 10.78 -1.26
N ASP A 23 -0.10 11.70 -1.94
CA ASP A 23 -0.43 12.99 -1.37
C ASP A 23 -1.10 12.87 0.00
N GLY A 24 -0.87 13.86 0.86
CA GLY A 24 -1.57 13.91 2.13
C GLY A 24 -3.05 14.11 1.85
N GLY A 25 -3.89 13.50 2.67
CA GLY A 25 -5.33 13.64 2.52
C GLY A 25 -5.96 12.64 1.58
N THR A 26 -5.13 11.78 0.99
CA THR A 26 -5.64 10.75 0.09
C THR A 26 -6.29 9.57 0.82
N GLY A 27 -5.98 9.42 2.12
CA GLY A 27 -6.60 8.39 2.94
C GLY A 27 -5.72 7.19 3.26
N LYS A 28 -4.42 7.35 3.11
CA LYS A 28 -3.45 6.30 3.42
C LYS A 28 -3.66 5.75 4.81
N THR A 29 -3.67 6.63 5.81
CA THR A 29 -3.86 6.21 7.19
C THR A 29 -5.21 5.52 7.40
N THR A 30 -6.29 6.12 6.93
CA THR A 30 -7.59 5.45 6.91
C THR A 30 -7.51 4.04 6.34
N PHE A 31 -6.65 3.85 5.35
CA PHE A 31 -6.62 2.58 4.62
C PHE A 31 -5.88 1.47 5.37
N VAL A 32 -4.63 1.72 5.74
CA VAL A 32 -3.85 0.73 6.48
C VAL A 32 -4.57 0.32 7.79
N LYS A 33 -5.38 1.24 8.31
CA LYS A 33 -6.07 1.02 9.59
C LYS A 33 -7.29 0.10 9.52
N ARG A 34 -7.82 -0.18 8.33
CA ARG A 34 -8.97 -1.07 8.24
C ARG A 34 -8.68 -2.44 8.84
N HIS A 35 -7.40 -2.78 8.95
CA HIS A 35 -6.95 -4.10 9.37
C HIS A 35 -6.68 -4.06 10.85
N LEU A 36 -7.62 -4.61 11.61
CA LEU A 36 -7.66 -4.52 13.08
C LEU A 36 -6.39 -4.99 13.78
N THR A 37 -5.85 -6.13 13.36
CA THR A 37 -4.69 -6.68 14.03
C THR A 37 -3.46 -5.84 13.73
N GLY A 38 -3.36 -5.40 12.48
CA GLY A 38 -2.28 -4.52 12.07
C GLY A 38 -2.32 -3.25 12.89
N GLU A 39 -3.51 -2.66 12.98
CA GLU A 39 -3.71 -1.44 13.77
C GLU A 39 -3.30 -1.57 15.24
N SER A 40 -3.59 -2.71 15.87
CA SER A 40 -3.34 -2.89 17.30
C SER A 40 -1.92 -3.33 17.62
N GLU A 41 -1.25 -3.92 16.65
CA GLU A 41 0.12 -4.40 16.85
C GLU A 41 1.10 -3.46 16.19
N LYS A 42 0.58 -2.42 15.56
CA LYS A 42 1.43 -1.48 14.83
C LYS A 42 2.47 -0.93 15.77
N LYS A 43 3.61 -0.53 15.21
CA LYS A 43 4.69 -0.01 16.03
C LYS A 43 5.06 1.40 15.57
N TYR A 44 6.03 2.01 16.25
CA TYR A 44 6.30 3.42 16.03
C TYR A 44 7.78 3.73 16.01
N VAL A 45 8.33 3.87 14.80
CA VAL A 45 9.68 4.38 14.62
C VAL A 45 9.65 5.90 14.83
N ALA A 46 10.18 6.34 15.97
CA ALA A 46 10.07 7.76 16.35
C ALA A 46 11.17 8.60 15.71
N THR A 47 12.23 7.94 15.27
CA THR A 47 13.35 8.62 14.65
C THR A 47 13.06 8.91 13.17
N LEU A 48 11.86 8.53 12.73
CA LEU A 48 11.48 8.70 11.33
C LEU A 48 10.05 9.15 11.19
N GLY A 49 9.33 9.21 12.31
CA GLY A 49 7.93 9.58 12.30
C GLY A 49 7.13 8.64 11.44
N VAL A 50 7.00 7.40 11.90
CA VAL A 50 6.37 6.37 11.09
C VAL A 50 5.80 5.22 11.92
N GLU A 51 4.53 4.93 11.69
CA GLU A 51 3.86 3.80 12.31
C GLU A 51 3.90 2.63 11.33
N VAL A 52 4.58 1.56 11.73
CA VAL A 52 4.59 0.33 10.96
C VAL A 52 3.42 -0.59 11.38
N HIS A 53 2.70 -1.11 10.41
CA HIS A 53 1.50 -1.91 10.68
C HIS A 53 1.60 -3.34 10.15
N PRO A 54 1.82 -4.34 11.03
CA PRO A 54 1.94 -5.71 10.53
C PRO A 54 0.59 -6.23 10.03
N LEU A 55 0.36 -6.29 8.73
CA LEU A 55 -0.88 -6.88 8.19
C LEU A 55 -0.66 -8.31 7.69
N VAL A 56 -1.11 -9.29 8.46
CA VAL A 56 -1.03 -10.68 8.04
C VAL A 56 -2.20 -11.10 7.17
N PHE A 57 -1.89 -11.79 6.08
CA PHE A 57 -2.90 -12.34 5.20
C PHE A 57 -2.66 -13.84 5.10
N HIS A 58 -3.73 -14.61 5.03
CA HIS A 58 -3.58 -16.06 4.98
C HIS A 58 -3.74 -16.60 3.56
N THR A 59 -2.62 -16.99 2.98
CA THR A 59 -2.64 -17.49 1.63
C THR A 59 -2.78 -19.01 1.65
N ASN A 60 -3.22 -19.56 0.52
CA ASN A 60 -3.36 -20.99 0.35
C ASN A 60 -2.00 -21.69 0.48
N ARG A 61 -0.96 -20.88 0.63
CA ARG A 61 0.42 -21.35 0.76
C ARG A 61 0.92 -21.13 2.18
N GLY A 62 0.15 -20.36 2.96
CA GLY A 62 0.55 -19.99 4.31
C GLY A 62 0.33 -18.51 4.62
N PRO A 63 0.77 -18.08 5.81
CA PRO A 63 0.71 -16.71 6.36
C PRO A 63 1.74 -15.79 5.70
N ILE A 64 1.33 -14.59 5.30
CA ILE A 64 2.30 -13.62 4.82
C ILE A 64 2.08 -12.29 5.51
N LYS A 65 3.17 -11.65 5.92
CA LYS A 65 3.07 -10.38 6.62
C LYS A 65 3.54 -9.21 5.74
N PHE A 66 2.64 -8.30 5.41
CA PHE A 66 3.04 -7.00 4.84
C PHE A 66 3.25 -6.02 5.97
N ASN A 67 4.49 -5.55 6.15
CA ASN A 67 4.80 -4.52 7.14
C ASN A 67 4.63 -3.10 6.59
N VAL A 68 3.41 -2.60 6.64
CA VAL A 68 3.12 -1.34 5.97
C VAL A 68 3.62 -0.10 6.72
N TRP A 69 4.52 0.66 6.10
CA TRP A 69 5.01 1.90 6.71
C TRP A 69 4.09 3.08 6.40
N ASP A 70 3.41 3.58 7.42
CA ASP A 70 2.53 4.72 7.25
C ASP A 70 3.13 5.99 7.87
N THR A 71 2.97 7.10 7.18
CA THR A 71 3.63 8.35 7.54
C THR A 71 2.92 8.99 8.70
N ALA A 72 3.65 9.80 9.47
CA ALA A 72 3.01 10.66 10.48
C ALA A 72 2.71 12.04 9.90
N GLY A 73 2.37 12.07 8.62
CA GLY A 73 1.95 13.27 7.93
C GLY A 73 3.01 14.11 7.22
N GLN A 74 4.28 13.72 7.27
CA GLN A 74 5.36 14.58 6.77
C GLN A 74 5.29 14.91 5.28
N GLU A 75 4.36 14.28 4.57
CA GLU A 75 4.28 14.43 3.13
C GLU A 75 3.65 15.75 2.66
N LYS A 76 2.81 16.35 3.50
CA LYS A 76 2.19 17.63 3.14
C LYS A 76 3.22 18.73 2.98
N PHE A 77 4.41 18.54 3.57
CA PHE A 77 5.43 19.56 3.57
C PHE A 77 6.72 19.11 2.88
N GLY A 78 6.59 18.26 1.87
CA GLY A 78 7.74 17.85 1.07
C GLY A 78 7.93 16.35 0.92
N GLY A 79 9.05 15.98 0.30
CA GLY A 79 9.36 14.58 0.04
C GLY A 79 9.98 13.87 1.23
N LEU A 80 9.86 12.55 1.23
CA LEU A 80 10.31 11.70 2.34
C LEU A 80 11.80 11.32 2.27
N ARG A 81 12.35 10.98 3.43
CA ARG A 81 13.78 10.69 3.56
C ARG A 81 14.10 9.24 3.20
N ASP A 82 15.29 9.03 2.65
CA ASP A 82 15.70 7.69 2.25
C ASP A 82 15.46 6.65 3.34
N GLY A 83 15.72 7.02 4.59
CA GLY A 83 15.44 6.13 5.70
C GLY A 83 14.05 5.52 5.64
N TYR A 84 13.13 6.17 4.93
CA TYR A 84 11.76 5.66 4.82
C TYR A 84 11.64 4.61 3.72
N TYR A 85 12.25 4.88 2.57
CA TYR A 85 12.16 4.00 1.41
C TYR A 85 13.12 2.82 1.49
N ILE A 86 14.11 2.93 2.36
CA ILE A 86 15.12 1.88 2.48
C ILE A 86 14.52 0.48 2.57
N GLN A 87 15.15 -0.47 1.91
CA GLN A 87 14.70 -1.86 1.91
C GLN A 87 13.22 -2.09 1.63
N ALA A 88 12.49 -1.08 1.17
CA ALA A 88 11.15 -1.33 0.67
C ALA A 88 11.23 -2.48 -0.33
N GLN A 89 10.25 -3.37 -0.30
CA GLN A 89 10.23 -4.51 -1.23
C GLN A 89 8.93 -4.53 -1.99
N CYS A 90 8.15 -3.48 -1.79
CA CYS A 90 6.94 -3.26 -2.55
C CYS A 90 6.27 -2.00 -2.02
N ALA A 91 5.28 -1.49 -2.74
CA ALA A 91 4.73 -0.18 -2.42
C ALA A 91 3.34 -0.05 -2.98
N ILE A 92 2.59 0.86 -2.38
CA ILE A 92 1.28 1.23 -2.89
C ILE A 92 1.33 2.72 -3.04
N ILE A 93 0.92 3.21 -4.21
CA ILE A 93 0.78 4.63 -4.41
C ILE A 93 -0.70 4.98 -4.41
N MET A 94 -1.05 5.99 -3.65
CA MET A 94 -2.44 6.32 -3.49
C MET A 94 -2.75 7.75 -3.90
N PHE A 95 -3.89 7.93 -4.56
CA PHE A 95 -4.43 9.26 -4.79
C PHE A 95 -5.92 9.32 -4.43
N ASP A 96 -6.45 10.53 -4.38
CA ASP A 96 -7.86 10.77 -4.06
C ASP A 96 -8.63 11.01 -5.37
N VAL A 97 -9.66 10.21 -5.62
CA VAL A 97 -10.40 10.34 -6.88
C VAL A 97 -11.29 11.58 -6.92
N THR A 98 -11.43 12.25 -5.79
CA THR A 98 -12.18 13.48 -5.74
C THR A 98 -11.25 14.67 -5.98
N SER A 99 -9.96 14.37 -6.16
CA SER A 99 -8.92 15.40 -6.19
C SER A 99 -7.89 15.14 -7.31
N ARG A 100 -8.04 15.83 -8.43
CA ARG A 100 -7.18 15.63 -9.60
C ARG A 100 -5.69 15.86 -9.33
N VAL A 101 -5.38 16.83 -8.47
CA VAL A 101 -3.97 17.16 -8.23
C VAL A 101 -3.23 15.99 -7.59
N THR A 102 -3.91 15.25 -6.72
CA THR A 102 -3.29 14.07 -6.13
C THR A 102 -2.94 13.06 -7.21
N TYR A 103 -3.76 12.95 -8.24
CA TYR A 103 -3.43 12.07 -9.35
C TYR A 103 -2.26 12.63 -10.17
N LYS A 104 -2.22 13.95 -10.30
CA LYS A 104 -1.15 14.60 -11.05
C LYS A 104 0.20 14.53 -10.34
N ASN A 105 0.20 14.34 -9.02
CA ASN A 105 1.44 14.10 -8.29
C ASN A 105 1.85 12.63 -8.20
N VAL A 106 1.08 11.73 -8.79
CA VAL A 106 1.41 10.31 -8.77
C VAL A 106 2.75 9.99 -9.41
N PRO A 107 3.02 10.57 -10.60
CA PRO A 107 4.33 10.37 -11.23
C PRO A 107 5.44 10.84 -10.31
N ASN A 108 5.21 11.96 -9.62
CA ASN A 108 6.19 12.49 -8.67
C ASN A 108 6.56 11.48 -7.63
N TRP A 109 5.57 10.86 -6.99
CA TRP A 109 5.85 9.84 -5.99
C TRP A 109 6.57 8.67 -6.60
N HIS A 110 6.07 8.19 -7.73
CA HIS A 110 6.67 7.03 -8.39
C HIS A 110 8.17 7.22 -8.63
N ARG A 111 8.55 8.42 -9.07
CA ARG A 111 9.96 8.73 -9.29
C ARG A 111 10.80 8.65 -8.01
N ASP A 112 10.37 9.39 -6.98
CA ASP A 112 11.11 9.45 -5.70
C ASP A 112 11.27 8.07 -5.07
N LEU A 113 10.49 7.13 -5.58
CA LEU A 113 10.41 5.77 -5.09
C LEU A 113 11.44 4.91 -5.82
N VAL A 114 11.24 4.77 -7.12
CA VAL A 114 12.15 4.04 -8.00
C VAL A 114 13.62 4.45 -7.79
N ARG A 115 13.85 5.74 -7.61
CA ARG A 115 15.19 6.24 -7.29
C ARG A 115 15.85 5.51 -6.11
N VAL A 116 15.07 5.17 -5.09
CA VAL A 116 15.60 4.48 -3.93
C VAL A 116 15.34 2.99 -4.05
N CYS A 117 14.20 2.62 -4.65
CA CYS A 117 13.89 1.20 -4.82
C CYS A 117 13.86 0.81 -6.27
N GLU A 118 15.06 0.59 -6.81
CA GLU A 118 15.23 0.12 -8.17
C GLU A 118 14.20 -0.99 -8.30
N ASN A 119 13.27 -0.85 -9.24
CA ASN A 119 12.41 -1.97 -9.67
C ASN A 119 11.79 -2.86 -8.58
N ILE A 120 10.78 -2.35 -7.89
CA ILE A 120 10.00 -3.16 -6.97
C ILE A 120 8.55 -3.07 -7.44
N PRO A 121 7.72 -4.06 -7.07
CA PRO A 121 6.32 -4.12 -7.47
C PRO A 121 5.57 -2.96 -6.87
N ILE A 122 4.70 -2.33 -7.67
CA ILE A 122 3.94 -1.18 -7.20
C ILE A 122 2.50 -1.29 -7.65
N VAL A 123 1.58 -0.91 -6.77
CA VAL A 123 0.17 -0.88 -7.10
C VAL A 123 -0.29 0.55 -6.94
N LEU A 124 -1.04 1.02 -7.92
CA LEU A 124 -1.61 2.35 -7.90
C LEU A 124 -3.05 2.23 -7.43
N CYS A 125 -3.46 3.11 -6.51
CA CYS A 125 -4.80 3.03 -5.93
C CYS A 125 -5.59 4.33 -5.96
N GLY A 126 -6.81 4.21 -6.46
CA GLY A 126 -7.75 5.30 -6.41
C GLY A 126 -8.68 5.15 -5.22
N ASN A 127 -8.38 5.89 -4.15
CA ASN A 127 -9.19 5.85 -2.93
C ASN A 127 -10.45 6.72 -3.04
N LYS A 128 -11.38 6.51 -2.10
CA LYS A 128 -12.59 7.33 -1.95
C LYS A 128 -13.64 7.13 -3.04
N VAL A 129 -13.70 5.94 -3.62
CA VAL A 129 -14.64 5.68 -4.70
C VAL A 129 -16.07 5.63 -4.21
N ASP A 130 -16.24 5.75 -2.90
CA ASP A 130 -17.56 5.68 -2.28
C ASP A 130 -18.35 6.95 -2.56
N ILE A 131 -17.63 8.06 -2.69
CA ILE A 131 -18.22 9.37 -2.95
C ILE A 131 -18.83 9.45 -4.35
N LYS A 132 -20.02 10.04 -4.43
CA LYS A 132 -20.75 10.11 -5.69
C LYS A 132 -20.09 11.01 -6.73
N ASP A 133 -19.88 12.27 -6.39
CA ASP A 133 -19.22 13.18 -7.33
C ASP A 133 -17.72 12.91 -7.42
N ARG A 134 -17.38 11.99 -8.33
CA ARG A 134 -16.00 11.63 -8.58
C ARG A 134 -15.44 12.56 -9.65
N LYS A 135 -14.14 12.84 -9.57
CA LYS A 135 -13.51 13.74 -10.52
C LYS A 135 -12.56 13.01 -11.47
N VAL A 136 -11.81 12.05 -10.95
CA VAL A 136 -10.86 11.29 -11.77
C VAL A 136 -11.44 9.95 -12.22
N LYS A 137 -12.16 9.97 -13.34
CA LYS A 137 -12.82 8.77 -13.85
C LYS A 137 -11.79 7.75 -14.34
N ALA A 138 -12.26 6.57 -14.72
CA ALA A 138 -11.39 5.47 -15.14
C ALA A 138 -10.58 5.83 -16.39
N LYS A 139 -11.22 6.56 -17.29
CA LYS A 139 -10.60 6.97 -18.54
C LYS A 139 -9.37 7.84 -18.31
N SER A 140 -9.37 8.62 -17.23
CA SER A 140 -8.25 9.49 -16.91
C SER A 140 -7.07 8.72 -16.32
N ILE A 141 -7.36 7.58 -15.71
CA ILE A 141 -6.32 6.77 -15.06
C ILE A 141 -5.52 6.01 -16.11
N VAL A 142 -4.25 6.39 -16.27
CA VAL A 142 -3.45 5.96 -17.41
C VAL A 142 -2.00 5.71 -17.01
N PHE A 143 -1.58 6.30 -15.90
CA PHE A 143 -0.18 6.18 -15.49
C PHE A 143 0.29 4.72 -15.45
N HIS A 144 -0.57 3.84 -14.95
CA HIS A 144 -0.24 2.43 -14.81
C HIS A 144 -0.16 1.67 -16.15
N ARG A 145 -0.71 2.26 -17.21
CA ARG A 145 -0.58 1.68 -18.54
C ARG A 145 0.87 1.26 -18.76
N LYS A 146 1.78 2.18 -18.46
CA LYS A 146 3.19 1.91 -18.54
C LYS A 146 3.64 1.00 -17.39
N LYS A 147 4.77 0.36 -17.59
CA LYS A 147 5.47 -0.33 -16.50
C LYS A 147 4.85 -1.58 -15.90
N ASN A 148 4.79 -1.60 -14.57
CA ASN A 148 4.55 -2.81 -13.80
C ASN A 148 3.66 -2.37 -12.63
N LEU A 149 2.56 -1.76 -13.06
CA LEU A 149 1.70 -0.94 -12.23
C LEU A 149 0.28 -1.43 -12.39
N GLN A 150 -0.13 -2.33 -11.52
CA GLN A 150 -1.52 -2.78 -11.47
C GLN A 150 -2.32 -1.69 -10.76
N TYR A 151 -3.57 -1.50 -11.15
CA TYR A 151 -4.37 -0.44 -10.55
C TYR A 151 -5.72 -0.95 -10.06
N TYR A 152 -6.14 -0.49 -8.88
CA TYR A 152 -7.45 -0.82 -8.36
C TYR A 152 -8.12 0.44 -7.80
N ASP A 153 -9.41 0.59 -8.07
CA ASP A 153 -10.24 1.51 -7.32
C ASP A 153 -10.30 0.94 -5.91
N ILE A 154 -10.27 1.81 -4.91
CA ILE A 154 -10.52 1.35 -3.54
C ILE A 154 -11.38 2.33 -2.78
N SER A 155 -11.94 1.86 -1.66
CA SER A 155 -12.65 2.75 -0.76
C SER A 155 -12.35 2.34 0.67
N ALA A 156 -11.33 2.95 1.25
CA ALA A 156 -10.94 2.66 2.63
C ALA A 156 -12.14 2.50 3.57
N LYS A 157 -13.06 3.48 3.55
CA LYS A 157 -14.14 3.56 4.53
C LYS A 157 -15.24 2.51 4.34
N SER A 158 -15.18 1.73 3.26
CA SER A 158 -16.19 0.72 3.03
C SER A 158 -15.52 -0.63 2.79
N ASN A 159 -14.19 -0.62 2.91
CA ASN A 159 -13.37 -1.80 2.72
C ASN A 159 -13.32 -2.33 1.28
N TYR A 160 -13.91 -1.60 0.35
CA TYR A 160 -14.04 -2.06 -1.04
C TYR A 160 -12.69 -2.28 -1.72
N ASN A 161 -12.42 -3.52 -2.11
CA ASN A 161 -11.16 -3.87 -2.77
C ASN A 161 -9.95 -3.76 -1.87
N PHE A 162 -10.19 -3.62 -0.57
CA PHE A 162 -9.11 -3.60 0.40
C PHE A 162 -8.01 -4.65 0.14
N GLU A 163 -8.40 -5.90 -0.11
CA GLU A 163 -7.43 -6.98 -0.26
C GLU A 163 -6.68 -6.98 -1.59
N LYS A 164 -7.30 -6.39 -2.63
CA LYS A 164 -6.78 -6.50 -4.00
C LYS A 164 -5.31 -6.10 -4.13
N PRO A 165 -4.95 -4.89 -3.69
CA PRO A 165 -3.57 -4.40 -3.80
C PRO A 165 -2.56 -5.40 -3.22
N PHE A 166 -2.97 -6.14 -2.20
CA PHE A 166 -2.06 -6.99 -1.44
C PHE A 166 -1.88 -8.33 -2.11
N LEU A 167 -2.99 -8.87 -2.60
CA LEU A 167 -3.01 -10.13 -3.31
C LEU A 167 -2.09 -10.02 -4.52
N TRP A 168 -2.28 -8.94 -5.27
CA TRP A 168 -1.48 -8.70 -6.45
C TRP A 168 0.00 -8.54 -6.12
N LEU A 169 0.31 -7.88 -5.01
CA LEU A 169 1.70 -7.75 -4.58
C LEU A 169 2.29 -9.07 -4.08
N ALA A 170 1.45 -9.93 -3.52
CA ALA A 170 1.93 -11.20 -2.97
C ALA A 170 2.34 -12.14 -4.10
N ARG A 171 1.54 -12.19 -5.14
CA ARG A 171 1.84 -13.00 -6.31
C ARG A 171 3.17 -12.63 -6.98
N LYS A 172 3.58 -11.36 -6.90
CA LYS A 172 4.84 -10.95 -7.51
C LYS A 172 6.04 -11.30 -6.64
N LEU A 173 5.90 -11.11 -5.33
CA LEU A 173 7.02 -11.32 -4.42
C LEU A 173 7.24 -12.79 -4.16
N ILE A 174 6.20 -13.58 -4.38
CA ILE A 174 6.31 -15.04 -4.25
C ILE A 174 6.59 -15.65 -5.62
N GLY A 175 6.05 -15.02 -6.67
CA GLY A 175 6.14 -15.57 -8.00
C GLY A 175 5.21 -16.76 -8.09
N ASP A 176 4.01 -16.57 -7.57
CA ASP A 176 2.98 -17.57 -7.70
C ASP A 176 1.66 -16.96 -8.16
N PRO A 177 1.43 -16.99 -9.47
CA PRO A 177 0.22 -16.41 -10.08
C PRO A 177 -1.06 -17.05 -9.54
N ASN A 178 -0.92 -18.15 -8.81
CA ASN A 178 -2.09 -18.91 -8.36
C ASN A 178 -2.26 -18.89 -6.85
N LEU A 179 -1.54 -17.99 -6.22
CA LEU A 179 -1.66 -17.75 -4.80
C LEU A 179 -3.06 -17.18 -4.56
N GLU A 180 -3.74 -17.68 -3.53
CA GLU A 180 -5.05 -17.17 -3.15
C GLU A 180 -5.04 -16.88 -1.66
N PHE A 181 -5.85 -15.93 -1.23
CA PHE A 181 -6.07 -15.72 0.21
C PHE A 181 -7.19 -16.64 0.58
N VAL A 182 -6.96 -17.51 1.56
CA VAL A 182 -8.00 -18.43 2.00
C VAL A 182 -9.13 -17.67 2.75
N ALA A 183 -8.76 -16.70 3.58
CA ALA A 183 -9.76 -15.92 4.31
C ALA A 183 -9.45 -14.43 4.35
N MET A 184 -10.47 -13.62 4.18
CA MET A 184 -10.32 -12.17 4.31
C MET A 184 -10.02 -11.79 5.77
N PRO A 185 -8.95 -10.99 5.97
CA PRO A 185 -8.51 -10.60 7.31
C PRO A 185 -9.62 -9.90 8.06
N ALA A 186 -9.44 -9.73 9.36
CA ALA A 186 -10.45 -9.08 10.18
C ALA A 186 -10.41 -7.56 9.97
N LEU A 187 -11.53 -7.03 9.48
CA LEU A 187 -11.62 -5.63 9.08
C LEU A 187 -12.63 -4.82 9.89
N ALA A 188 -12.27 -3.56 10.16
CA ALA A 188 -13.16 -2.59 10.81
C ALA A 188 -14.45 -2.42 10.01
N PRO A 189 -15.59 -2.38 10.68
CA PRO A 189 -16.87 -2.31 9.97
C PRO A 189 -16.96 -1.08 9.04
N PRO A 190 -17.45 -1.27 7.80
CA PRO A 190 -17.51 -0.18 6.82
C PRO A 190 -18.31 1.00 7.35
N GLU A 191 -17.61 2.11 7.60
CA GLU A 191 -18.22 3.30 8.18
C GLU A 191 -19.12 4.05 7.21
N VAL A 192 -18.90 3.84 5.91
CA VAL A 192 -19.84 4.25 4.86
C VAL A 192 -20.13 3.06 3.93
N VAL A 193 -21.25 3.14 3.22
CA VAL A 193 -21.67 2.10 2.31
C VAL A 193 -21.05 2.31 0.93
N MET A 194 -20.76 1.21 0.23
CA MET A 194 -20.33 1.29 -1.15
C MET A 194 -21.43 0.76 -2.05
N ASP A 195 -22.21 1.67 -2.64
CA ASP A 195 -23.32 1.29 -3.51
C ASP A 195 -22.90 0.22 -4.53
N PRO A 196 -23.65 -0.88 -4.61
CA PRO A 196 -23.37 -1.90 -5.63
C PRO A 196 -23.51 -1.36 -7.06
N ALA A 197 -24.28 -0.30 -7.25
CA ALA A 197 -24.43 0.33 -8.56
C ALA A 197 -23.12 0.99 -8.98
N LEU A 198 -22.66 1.95 -8.19
CA LEU A 198 -21.37 2.60 -8.42
C LEU A 198 -20.25 1.58 -8.63
N ALA A 199 -20.13 0.63 -7.72
CA ALA A 199 -19.12 -0.42 -7.83
C ALA A 199 -19.20 -1.13 -9.18
N ALA A 200 -20.42 -1.38 -9.64
CA ALA A 200 -20.63 -2.06 -10.92
C ALA A 200 -20.33 -1.17 -12.13
N GLN A 201 -20.80 0.07 -12.10
CA GLN A 201 -20.46 1.01 -13.15
C GLN A 201 -18.95 1.25 -13.19
N TYR A 202 -18.35 1.45 -12.02
CA TYR A 202 -16.92 1.77 -11.93
C TYR A 202 -16.04 0.59 -12.33
N GLU A 203 -16.46 -0.62 -11.99
CA GLU A 203 -15.72 -1.81 -12.39
C GLU A 203 -15.81 -2.00 -13.90
N HIS A 204 -16.99 -1.69 -14.43
CA HIS A 204 -17.25 -1.77 -15.86
C HIS A 204 -16.51 -0.69 -16.62
N ASP A 205 -16.39 0.49 -16.02
CA ASP A 205 -15.69 1.61 -16.63
C ASP A 205 -14.19 1.38 -16.63
N LEU A 206 -13.75 0.35 -15.91
CA LEU A 206 -12.34 0.00 -15.84
C LEU A 206 -11.99 -0.99 -16.94
N GLU A 207 -12.88 -1.93 -17.18
CA GLU A 207 -12.70 -2.92 -18.24
C GLU A 207 -12.80 -2.29 -19.62
N VAL A 208 -13.88 -1.56 -19.85
CA VAL A 208 -14.11 -0.86 -21.11
C VAL A 208 -13.07 0.24 -21.35
N ALA A 209 -12.00 0.20 -20.56
CA ALA A 209 -10.86 1.08 -20.80
C ALA A 209 -9.61 0.28 -21.13
N GLN A 210 -9.45 -0.86 -20.47
CA GLN A 210 -8.27 -1.69 -20.68
C GLN A 210 -8.24 -2.32 -22.07
N THR A 211 -9.40 -2.41 -22.71
CA THR A 211 -9.55 -3.01 -24.04
C THR A 211 -9.70 -1.99 -25.16
N THR A 212 -9.29 -0.75 -24.90
CA THR A 212 -9.62 0.38 -25.76
C THR A 212 -8.45 1.20 -26.35
N ALA A 213 -7.70 1.91 -25.50
CA ALA A 213 -6.69 2.88 -25.95
C ALA A 213 -5.26 2.54 -25.50
N SER B 9 19.16 -13.98 9.15
CA SER B 9 18.73 -12.59 9.27
C SER B 9 17.83 -12.40 10.49
N TRP B 10 18.13 -11.37 11.28
CA TRP B 10 17.34 -11.04 12.46
C TRP B 10 16.37 -9.92 12.12
N GLN B 11 15.48 -9.59 13.05
CA GLN B 11 14.47 -8.57 12.81
C GLN B 11 14.48 -7.48 13.89
N CYS B 12 14.42 -6.22 13.45
CA CYS B 12 14.38 -5.07 14.35
C CYS B 12 13.00 -4.92 14.97
N ASP B 13 12.90 -5.07 16.29
CA ASP B 13 11.61 -5.07 16.97
C ASP B 13 11.02 -3.67 17.17
N THR B 14 11.50 -2.70 16.39
CA THR B 14 10.90 -1.37 16.37
C THR B 14 10.13 -1.11 15.08
N CYS B 15 10.70 -1.53 13.95
CA CYS B 15 10.08 -1.29 12.64
C CYS B 15 9.82 -2.59 11.85
N LEU B 16 10.34 -3.71 12.34
CA LEU B 16 10.13 -5.02 11.73
C LEU B 16 10.96 -5.28 10.46
N LEU B 17 11.92 -4.41 10.17
CA LEU B 17 12.76 -4.58 8.99
C LEU B 17 13.77 -5.72 9.17
N GLN B 18 13.97 -6.51 8.12
CA GLN B 18 14.88 -7.64 8.16
C GLN B 18 16.32 -7.24 7.81
N ASN B 19 17.14 -7.03 8.83
CA ASN B 19 18.53 -6.63 8.63
C ASN B 19 19.45 -7.85 8.54
N LYS B 20 20.75 -7.58 8.38
CA LYS B 20 21.75 -8.63 8.23
C LYS B 20 22.61 -8.79 9.49
N VAL B 21 23.23 -9.96 9.64
CA VAL B 21 24.11 -10.22 10.78
C VAL B 21 25.28 -9.23 10.82
N THR B 22 25.77 -8.87 9.64
CA THR B 22 26.88 -7.93 9.52
C THR B 22 26.44 -6.56 10.03
N ASP B 23 25.16 -6.26 9.83
CA ASP B 23 24.54 -5.09 10.44
C ASP B 23 24.49 -5.31 11.95
N ASN B 24 24.79 -4.25 12.70
CA ASN B 24 24.74 -4.30 14.15
C ASN B 24 23.64 -3.38 14.66
N LYS B 25 23.10 -2.59 13.74
CA LYS B 25 21.92 -1.79 14.00
C LYS B 25 21.01 -1.86 12.79
N CYS B 26 20.10 -0.90 12.66
CA CYS B 26 19.14 -0.94 11.56
C CYS B 26 19.53 -0.03 10.40
N ILE B 27 19.45 -0.56 9.17
CA ILE B 27 19.83 0.19 7.99
C ILE B 27 18.69 1.08 7.52
N ALA B 28 17.64 1.17 8.33
CA ALA B 28 16.48 2.00 7.97
C ALA B 28 16.17 3.14 8.93
N CYS B 29 16.23 2.87 10.23
CA CYS B 29 15.95 3.92 11.22
C CYS B 29 17.12 4.14 12.19
N GLN B 30 18.25 3.48 11.93
CA GLN B 30 19.44 3.62 12.77
C GLN B 30 19.23 3.16 14.22
N ALA B 31 18.46 2.09 14.39
CA ALA B 31 18.17 1.57 15.73
C ALA B 31 19.04 0.36 16.10
N ALA B 32 19.56 0.38 17.32
CA ALA B 32 20.45 -0.68 17.82
C ALA B 32 19.85 -2.08 17.79
N LYS B 33 20.69 -3.06 17.46
CA LYS B 33 20.32 -4.45 17.63
C LYS B 33 20.43 -4.81 19.10
N LEU B 34 19.42 -5.51 19.61
CA LEU B 34 19.37 -5.89 21.02
C LEU B 34 20.37 -7.01 21.30
#